data_6HK8
#
_entry.id   6HK8
#
_cell.length_a   47.970
_cell.length_b   47.970
_cell.length_c   210.980
_cell.angle_alpha   90.00
_cell.angle_beta   90.00
_cell.angle_gamma   120.00
#
_symmetry.space_group_name_H-M   'P 65 2 2'
#
loop_
_entity.id
_entity.type
_entity.pdbx_description
1 polymer 'Testis-expressed protein 12'
2 non-polymer '1,4-DIETHYLENE DIOXIDE'
3 water water
#
_entity_poly.entity_id   1
_entity_poly.type   'polypeptide(L)'
_entity_poly.pdbx_seq_one_letter_code
;GSMGKDEALEKDLNDVSKEINLMLSTYAKLLSERAAVDASYIDEIDELFKEANAIENFLIQKREFLRQR
;
_entity_poly.pdbx_strand_id   A,B
#
loop_
_chem_comp.id
_chem_comp.type
_chem_comp.name
_chem_comp.formula
DIO non-polymer '1,4-DIETHYLENE DIOXIDE' 'C4 H8 O2'
#
# COMPACT_ATOMS: atom_id res chain seq x y z
N ASP A 6 5.30 18.03 -38.94
CA ASP A 6 5.75 18.33 -37.58
C ASP A 6 4.55 18.58 -36.65
N GLU A 7 3.58 19.33 -37.15
CA GLU A 7 2.37 19.61 -36.37
C GLU A 7 1.68 18.32 -35.96
N ALA A 8 1.59 17.36 -36.89
CA ALA A 8 0.94 16.09 -36.57
C ALA A 8 1.72 15.33 -35.49
N LEU A 9 3.06 15.32 -35.59
CA LEU A 9 3.86 14.60 -34.60
C LEU A 9 3.84 15.30 -33.24
N GLU A 10 3.80 16.64 -33.24
CA GLU A 10 3.70 17.36 -31.97
C GLU A 10 2.35 17.12 -31.30
N LYS A 11 1.28 17.04 -32.09
CA LYS A 11 -0.02 16.66 -31.55
C LYS A 11 0.04 15.24 -30.98
N ASP A 12 0.62 14.31 -31.76
CA ASP A 12 0.76 12.94 -31.27
C ASP A 12 1.56 12.90 -29.97
N LEU A 13 2.62 13.70 -29.89
CA LEU A 13 3.40 13.75 -28.66
C LEU A 13 2.57 14.28 -27.50
N ASN A 14 1.75 15.31 -27.77
N ASN A 14 1.73 15.29 -27.76
CA ASN A 14 0.90 15.88 -26.73
CA ASN A 14 0.92 15.87 -26.70
C ASN A 14 -0.21 14.93 -26.32
C ASN A 14 -0.31 15.02 -26.36
N ASP A 15 -0.76 14.17 -27.29
CA ASP A 15 -1.83 13.23 -26.96
C ASP A 15 -1.30 12.09 -26.10
N VAL A 16 -0.07 11.64 -26.35
CA VAL A 16 0.53 10.61 -25.52
C VAL A 16 0.76 11.14 -24.10
N SER A 17 1.24 12.39 -23.99
CA SER A 17 1.49 12.96 -22.68
C SER A 17 0.21 13.11 -21.88
N LYS A 18 -0.90 13.42 -22.55
CA LYS A 18 -2.19 13.46 -21.85
C LYS A 18 -2.61 12.08 -21.40
N GLU A 19 -2.32 11.05 -22.20
CA GLU A 19 -2.61 9.69 -21.79
C GLU A 19 -1.74 9.28 -20.60
N ILE A 20 -0.48 9.70 -20.59
CA ILE A 20 0.41 9.37 -19.49
C ILE A 20 -0.07 10.04 -18.20
N ASN A 21 -0.41 11.33 -18.28
CA ASN A 21 -0.89 12.04 -17.09
C ASN A 21 -2.14 11.39 -16.52
N LEU A 22 -3.04 10.93 -17.39
CA LEU A 22 -4.22 10.22 -16.93
C LEU A 22 -3.86 8.94 -16.19
N MET A 23 -2.97 8.14 -16.79
CA MET A 23 -2.58 6.87 -16.19
C MET A 23 -1.93 7.06 -14.83
N LEU A 24 -1.05 8.06 -14.71
CA LEU A 24 -0.32 8.25 -13.46
C LEU A 24 -1.27 8.65 -12.33
N SER A 25 -2.19 9.57 -12.59
CA SER A 25 -3.11 10.00 -11.54
C SER A 25 -4.12 8.92 -11.21
N THR A 26 -4.50 8.09 -12.19
CA THR A 26 -5.41 6.99 -11.91
C THR A 26 -4.72 5.94 -11.02
N TYR A 27 -3.45 5.63 -11.31
CA TYR A 27 -2.73 4.68 -10.47
C TYR A 27 -2.46 5.26 -9.09
N ALA A 28 -2.16 6.56 -9.01
CA ALA A 28 -1.95 7.19 -7.71
C ALA A 28 -3.22 7.11 -6.86
N LYS A 29 -4.38 7.32 -7.48
CA LYS A 29 -5.63 7.18 -6.74
C LYS A 29 -5.89 5.74 -6.38
N LEU A 30 -5.56 4.81 -7.28
CA LEU A 30 -5.71 3.39 -6.99
C LEU A 30 -4.89 2.99 -5.77
N LEU A 31 -3.63 3.46 -5.70
CA LEU A 31 -2.80 3.14 -4.54
C LEU A 31 -3.39 3.74 -3.27
N SER A 32 -3.97 4.93 -3.37
CA SER A 32 -4.62 5.55 -2.22
C SER A 32 -5.78 4.70 -1.72
N GLU A 33 -6.57 4.13 -2.64
CA GLU A 33 -7.69 3.29 -2.24
C GLU A 33 -7.22 1.97 -1.65
N ARG A 34 -6.14 1.40 -2.19
CA ARG A 34 -5.65 0.13 -1.68
C ARG A 34 -5.17 0.26 -0.24
N ALA A 35 -4.52 1.37 0.11
CA ALA A 35 -4.03 1.54 1.47
C ALA A 35 -5.20 1.62 2.46
N ALA A 36 -6.29 2.26 2.06
CA ALA A 36 -7.47 2.35 2.92
C ALA A 36 -8.11 0.98 3.12
N VAL A 37 -8.11 0.14 2.08
CA VAL A 37 -8.67 -1.20 2.20
C VAL A 37 -7.76 -2.07 3.05
N ASP A 38 -6.44 -1.93 2.87
CA ASP A 38 -5.49 -2.66 3.71
C ASP A 38 -5.69 -2.34 5.18
N ALA A 39 -5.81 -1.06 5.50
CA ALA A 39 -6.03 -0.66 6.90
C ALA A 39 -7.32 -1.27 7.44
N SER A 40 -8.35 -1.36 6.61
CA SER A 40 -9.60 -1.95 7.07
C SER A 40 -9.46 -3.44 7.32
N TYR A 41 -8.73 -4.14 6.45
CA TYR A 41 -8.48 -5.57 6.67
C TYR A 41 -7.65 -5.78 7.93
N ILE A 42 -6.66 -4.92 8.16
CA ILE A 42 -5.80 -5.06 9.33
C ILE A 42 -6.62 -4.89 10.60
N ASP A 43 -7.58 -3.96 10.59
CA ASP A 43 -8.41 -3.76 11.76
C ASP A 43 -9.36 -4.93 12.01
N GLU A 44 -9.96 -5.46 10.93
CA GLU A 44 -10.91 -6.55 11.11
C GLU A 44 -10.23 -7.82 11.60
N ILE A 45 -9.08 -8.16 11.00
CA ILE A 45 -8.35 -9.36 11.42
C ILE A 45 -7.85 -9.19 12.85
N ASP A 46 -7.34 -8.01 13.18
CA ASP A 46 -6.93 -7.75 14.57
C ASP A 46 -8.08 -7.95 15.53
N GLU A 47 -9.28 -7.47 15.17
CA GLU A 47 -10.44 -7.65 16.04
C GLU A 47 -10.82 -9.12 16.16
N LEU A 48 -10.84 -9.85 15.04
CA LEU A 48 -11.18 -11.27 15.07
C LEU A 48 -10.16 -12.06 15.87
N PHE A 49 -8.87 -11.80 15.63
CA PHE A 49 -7.82 -12.47 16.39
C PHE A 49 -7.96 -12.19 17.89
N LYS A 50 -8.43 -11.00 18.26
CA LYS A 50 -8.61 -10.70 19.67
C LYS A 50 -9.86 -11.39 20.23
N GLU A 51 -10.91 -11.51 19.42
CA GLU A 51 -12.09 -12.26 19.85
C GLU A 51 -11.74 -13.72 20.10
N ALA A 52 -11.08 -14.36 19.13
CA ALA A 52 -10.71 -15.76 19.29
C ALA A 52 -9.75 -15.94 20.47
N ASN A 53 -8.77 -15.04 20.60
CA ASN A 53 -7.80 -15.16 21.69
C ASN A 53 -8.45 -14.98 23.05
N ALA A 54 -9.48 -14.12 23.14
CA ALA A 54 -10.17 -13.94 24.41
C ALA A 54 -10.93 -15.20 24.81
N ILE A 55 -11.62 -15.82 23.83
CA ILE A 55 -12.34 -17.06 24.12
C ILE A 55 -11.35 -18.17 24.49
N GLU A 56 -10.23 -18.26 23.77
CA GLU A 56 -9.23 -19.29 24.07
C GLU A 56 -8.65 -19.11 25.47
N ASN A 57 -8.24 -17.89 25.80
CA ASN A 57 -7.66 -17.64 27.13
C ASN A 57 -8.66 -17.91 28.23
N PHE A 58 -9.93 -17.57 28.01
CA PHE A 58 -10.94 -17.84 29.03
C PHE A 58 -11.12 -19.34 29.23
N LEU A 59 -11.25 -20.09 28.13
CA LEU A 59 -11.44 -21.54 28.24
C LEU A 59 -10.22 -22.21 28.84
N ILE A 60 -9.01 -21.81 28.43
CA ILE A 60 -7.80 -22.39 29.01
C ILE A 60 -7.75 -22.14 30.51
N GLN A 61 -8.19 -20.97 30.95
CA GLN A 61 -8.20 -20.66 32.38
C GLN A 61 -9.16 -21.56 33.14
N LYS A 62 -10.31 -21.89 32.52
CA LYS A 62 -11.28 -22.77 33.18
C LYS A 62 -10.74 -24.19 33.32
N ARG A 63 -10.14 -24.72 32.24
CA ARG A 63 -9.58 -26.07 32.31
C ARG A 63 -8.47 -26.18 33.34
N GLU A 64 -7.59 -25.17 33.40
CA GLU A 64 -6.52 -25.18 34.39
C GLU A 64 -7.05 -25.00 35.80
N PHE A 65 -8.28 -24.52 35.96
N PHE A 65 -8.19 -24.27 35.94
CA PHE A 65 -8.87 -24.29 37.27
CA PHE A 65 -8.73 -23.95 37.26
C PHE A 65 -9.74 -25.46 37.72
C PHE A 65 -10.18 -24.43 37.39
N MET B 3 5.18 -32.96 32.12
CA MET B 3 3.86 -32.37 31.92
C MET B 3 2.99 -33.26 31.03
N GLY B 4 1.67 -33.03 31.08
CA GLY B 4 0.75 -33.81 30.27
C GLY B 4 0.62 -33.27 28.86
N LYS B 5 -0.01 -34.10 28.02
CA LYS B 5 -0.20 -33.73 26.61
C LYS B 5 -1.03 -32.46 26.47
N ASP B 6 -1.99 -32.24 27.38
CA ASP B 6 -2.81 -31.05 27.30
C ASP B 6 -2.02 -29.80 27.67
N GLU B 7 -1.23 -29.87 28.74
CA GLU B 7 -0.40 -28.73 29.11
C GLU B 7 0.55 -28.34 27.99
N ALA B 8 1.18 -29.34 27.35
CA ALA B 8 2.11 -29.05 26.27
C ALA B 8 1.40 -28.41 25.08
N LEU B 9 0.21 -28.91 24.73
CA LEU B 9 -0.50 -28.34 23.59
C LEU B 9 -1.02 -26.95 23.89
N GLU B 10 -1.43 -26.69 25.13
CA GLU B 10 -1.88 -25.35 25.49
C GLU B 10 -0.73 -24.34 25.45
N LYS B 11 0.47 -24.78 25.83
CA LYS B 11 1.64 -23.91 25.70
C LYS B 11 1.98 -23.68 24.23
N ASP B 12 1.86 -24.72 23.40
CA ASP B 12 2.05 -24.54 21.97
C ASP B 12 1.04 -23.54 21.41
N LEU B 13 -0.21 -23.60 21.89
CA LEU B 13 -1.22 -22.67 21.44
C LEU B 13 -0.84 -21.24 21.80
N ASN B 14 -0.31 -21.02 23.01
CA ASN B 14 0.11 -19.69 23.41
C ASN B 14 1.27 -19.19 22.55
N ASP B 15 2.20 -20.08 22.21
CA ASP B 15 3.31 -19.66 21.34
C ASP B 15 2.82 -19.34 19.94
N VAL B 16 1.81 -20.07 19.45
CA VAL B 16 1.25 -19.78 18.14
C VAL B 16 0.56 -18.42 18.14
N SER B 17 -0.21 -18.12 19.19
CA SER B 17 -0.90 -16.84 19.26
C SER B 17 0.08 -15.69 19.38
N LYS B 18 1.21 -15.89 20.06
CA LYS B 18 2.23 -14.85 20.14
C LYS B 18 2.88 -14.62 18.77
N GLU B 19 3.10 -15.69 18.01
CA GLU B 19 3.65 -15.53 16.67
C GLU B 19 2.68 -14.85 15.73
N ILE B 20 1.38 -15.15 15.86
CA ILE B 20 0.39 -14.51 15.00
C ILE B 20 0.33 -13.02 15.28
N ASN B 21 0.30 -12.65 16.56
CA ASN B 21 0.27 -11.23 16.93
C ASN B 21 1.49 -10.50 16.39
N LEU B 22 2.66 -11.15 16.40
CA LEU B 22 3.87 -10.50 15.91
C LEU B 22 3.83 -10.33 14.39
N MET B 23 3.38 -11.35 13.67
N MET B 23 3.38 -11.35 13.66
CA MET B 23 3.32 -11.25 12.21
CA MET B 23 3.32 -11.24 12.21
C MET B 23 2.29 -10.23 11.74
C MET B 23 2.31 -10.19 11.76
N LEU B 24 1.20 -10.06 12.49
CA LEU B 24 0.19 -9.09 12.11
C LEU B 24 0.71 -7.66 12.24
N SER B 25 1.38 -7.37 13.37
CA SER B 25 1.91 -6.02 13.54
C SER B 25 3.09 -5.76 12.62
N THR B 26 3.87 -6.80 12.30
CA THR B 26 4.97 -6.63 11.37
C THR B 26 4.47 -6.32 9.96
N TYR B 27 3.45 -7.05 9.51
CA TYR B 27 2.89 -6.78 8.19
C TYR B 27 2.18 -5.44 8.15
N ALA B 28 1.48 -5.07 9.22
CA ALA B 28 0.83 -3.77 9.27
C ALA B 28 1.86 -2.64 9.20
N LYS B 29 2.99 -2.81 9.89
CA LYS B 29 4.05 -1.81 9.80
C LYS B 29 4.69 -1.81 8.42
N LEU B 30 4.88 -3.00 7.85
CA LEU B 30 5.44 -3.10 6.50
C LEU B 30 4.57 -2.39 5.48
N LEU B 31 3.24 -2.55 5.58
CA LEU B 31 2.34 -1.87 4.64
C LEU B 31 2.45 -0.36 4.77
N SER B 32 2.65 0.15 5.99
N SER B 32 2.66 0.15 5.99
CA SER B 32 2.77 1.58 6.19
CA SER B 32 2.77 1.59 6.18
C SER B 32 4.03 2.13 5.53
C SER B 32 4.04 2.13 5.54
N GLU B 33 5.13 1.37 5.59
CA GLU B 33 6.37 1.81 4.95
C GLU B 33 6.23 1.83 3.43
N ARG B 34 5.49 0.86 2.87
CA ARG B 34 5.29 0.81 1.43
C ARG B 34 4.47 1.99 0.94
N ALA B 35 3.46 2.40 1.71
CA ALA B 35 2.62 3.52 1.29
C ALA B 35 3.42 4.81 1.22
N ALA B 36 4.35 5.02 2.15
CA ALA B 36 5.20 6.20 2.08
C ALA B 36 6.13 6.13 0.88
N VAL B 37 6.63 4.93 0.56
CA VAL B 37 7.48 4.78 -0.60
C VAL B 37 6.68 4.91 -1.88
N ASP B 38 5.48 4.32 -1.92
CA ASP B 38 4.62 4.43 -3.09
C ASP B 38 4.30 5.90 -3.40
N ALA B 39 3.88 6.65 -2.37
CA ALA B 39 3.58 8.06 -2.58
C ALA B 39 4.80 8.83 -3.08
N SER B 40 5.99 8.46 -2.58
CA SER B 40 7.19 9.15 -3.02
C SER B 40 7.53 8.84 -4.48
N TYR B 41 7.41 7.57 -4.87
CA TYR B 41 7.72 7.19 -6.25
C TYR B 41 6.71 7.78 -7.24
N ILE B 42 5.42 7.73 -6.92
CA ILE B 42 4.41 8.23 -7.84
C ILE B 42 4.54 9.73 -8.03
N ASP B 43 4.90 10.46 -6.96
CA ASP B 43 5.06 11.90 -7.08
C ASP B 43 6.28 12.27 -7.92
N GLU B 44 7.39 11.57 -7.71
CA GLU B 44 8.61 11.90 -8.44
C GLU B 44 8.47 11.58 -9.93
N ILE B 45 7.88 10.43 -10.26
CA ILE B 45 7.72 10.07 -11.66
C ILE B 45 6.78 11.04 -12.36
N ASP B 46 5.67 11.40 -11.70
CA ASP B 46 4.77 12.40 -12.26
C ASP B 46 5.49 13.73 -12.45
N GLU B 47 6.32 14.13 -11.49
CA GLU B 47 7.07 15.37 -11.60
C GLU B 47 8.03 15.32 -12.78
N LEU B 48 8.72 14.19 -12.97
CA LEU B 48 9.65 14.07 -14.08
C LEU B 48 8.90 14.15 -15.41
N PHE B 49 7.74 13.49 -15.51
N PHE B 49 7.74 13.49 -15.51
CA PHE B 49 6.99 13.53 -16.76
CA PHE B 49 6.96 13.52 -16.74
C PHE B 49 6.49 14.93 -17.09
C PHE B 49 6.51 14.93 -17.08
N LYS B 50 6.14 15.72 -16.07
CA LYS B 50 5.74 17.10 -16.32
C LYS B 50 6.94 17.98 -16.67
N GLU B 51 8.11 17.68 -16.09
CA GLU B 51 9.32 18.41 -16.46
C GLU B 51 9.63 18.21 -17.94
N ALA B 52 9.63 16.96 -18.41
CA ALA B 52 9.88 16.70 -19.82
C ALA B 52 8.84 17.36 -20.69
N ASN B 53 7.57 17.29 -20.29
CA ASN B 53 6.50 17.89 -21.08
C ASN B 53 6.61 19.42 -21.11
N ALA B 54 7.10 20.03 -20.03
CA ALA B 54 7.27 21.48 -20.02
C ALA B 54 8.38 21.91 -20.96
N ILE B 55 9.49 21.18 -20.98
CA ILE B 55 10.58 21.49 -21.90
C ILE B 55 10.11 21.36 -23.34
N GLU B 56 9.34 20.32 -23.63
CA GLU B 56 8.80 20.14 -24.98
C GLU B 56 7.92 21.31 -25.38
N ASN B 57 7.00 21.71 -24.48
CA ASN B 57 6.11 22.83 -24.78
C ASN B 57 6.91 24.11 -24.98
N PHE B 58 7.98 24.30 -24.21
CA PHE B 58 8.82 25.48 -24.38
C PHE B 58 9.46 25.48 -25.77
N LEU B 59 10.04 24.36 -26.17
CA LEU B 59 10.70 24.30 -27.47
C LEU B 59 9.68 24.48 -28.59
N ILE B 60 8.52 23.83 -28.48
CA ILE B 60 7.49 23.98 -29.50
C ILE B 60 7.07 25.44 -29.63
N GLN B 61 6.94 26.14 -28.50
CA GLN B 61 6.57 27.56 -28.54
C GLN B 61 7.71 28.42 -29.10
N LYS B 62 8.95 28.09 -28.76
CA LYS B 62 10.08 28.88 -29.26
C LYS B 62 10.22 28.74 -30.76
N ARG B 63 10.12 27.51 -31.28
CA ARG B 63 10.19 27.29 -32.72
C ARG B 63 9.04 28.00 -33.43
N GLU B 64 7.89 28.14 -32.76
CA GLU B 64 6.76 28.83 -33.36
C GLU B 64 7.05 30.31 -33.56
N PHE B 65 7.72 30.95 -32.59
CA PHE B 65 8.16 32.33 -32.78
C PHE B 65 9.17 32.42 -33.92
N LEU B 66 10.04 31.42 -34.03
CA LEU B 66 11.08 31.44 -35.07
C LEU B 66 10.47 31.42 -36.46
N ARG B 67 9.37 30.70 -36.64
CA ARG B 67 8.73 30.61 -37.94
C ARG B 67 7.56 31.58 -38.05
C1 DIO C . -14.33 -14.13 27.73
C2 DIO C . -15.94 -15.55 26.85
C1' DIO C . -14.57 -13.13 26.60
C2' DIO C . -16.18 -14.57 25.71
O1 DIO C . -15.46 -14.91 27.99
O1' DIO C . -15.06 -13.78 25.45
C1 DIO D . -3.18 -10.46 6.23
C2 DIO D . -4.46 -8.52 6.02
C1' DIO D . -2.53 -9.90 7.49
C2' DIO D . -3.83 -7.98 7.31
O1 DIO D . -4.46 -9.92 5.99
O1' DIO D . -2.56 -8.50 7.52
C1 DIO E . -12.40 -17.70 37.84
C2 DIO E . -10.52 -17.47 39.19
C1' DIO E . -12.13 -19.20 37.71
C2' DIO E . -10.23 -18.96 39.06
O1 DIO E . -11.87 -17.17 39.03
O1' DIO E . -10.77 -19.50 37.88
C1 DIO F . -10.95 -25.10 24.08
C2 DIO F . -9.11 -24.92 25.50
C1' DIO F . -10.05 -24.78 22.89
C2' DIO F . -8.21 -24.61 24.31
O1 DIO F . -10.22 -25.67 25.14
O1' DIO F . -8.93 -24.02 23.25
C1 DIO G . -2.72 -11.66 22.31
C2 DIO G . -1.42 -13.54 22.73
C1' DIO G . -1.54 -10.99 21.62
C2' DIO G . -0.24 -12.89 22.02
O1 DIO G . -2.65 -13.05 22.27
O1' DIO G . -0.31 -11.49 22.06
#